data_5JF6
#
_entry.id   5JF6
#
_cell.length_a   40.920
_cell.length_b   66.280
_cell.length_c   88.290
_cell.angle_alpha   90.00
_cell.angle_beta   90.00
_cell.angle_gamma   90.00
#
_symmetry.space_group_name_H-M   'P 21 21 21'
#
loop_
_entity.id
_entity.type
_entity.pdbx_description
1 polymer 'Peptide deformylase'
2 non-polymer 2-(5-bromo-1H-indol-3-yl)-N-hydroxyacetamide
3 non-polymer 'ACETATE ION'
4 non-polymer 'ZINC ION'
5 water water
#
_entity_poly.entity_id   1
_entity_poly.type   'polypeptide(L)'
_entity_poly.pdbx_seq_one_letter_code
;MAAIDKLVKASHLIDMNDIIREGNPTLRKVAEEVTFPLSEKEEILGEKMMQFLKHSQDPIMAEKLGLRGGVGLAAPQLDI
SKRIIAVLVPNVEDAQGNPPKEAYSLQEVMYNPKVVSHSVQDAALSDGEG(OCS)LSVDREVPGYVVRHARVTIEYFDKT
GEKHRLKLKGYNSIVVQHEIDHIDGIMFYDRINEKNPFAVKEGLLILE
;
_entity_poly.pdbx_strand_id   A
#
loop_
_chem_comp.id
_chem_comp.type
_chem_comp.name
_chem_comp.formula
ACT non-polymer 'ACETATE ION' 'C2 H3 O2 -1'
BB4 non-polymer 2-(5-bromo-1H-indol-3-yl)-N-hydroxyacetamide 'C10 H9 Br N2 O2'
ZN non-polymer 'ZINC ION' 'Zn 2'
#
# COMPACT_ATOMS: atom_id res chain seq x y z
N ALA A 2 22.00 8.21 5.42
CA ALA A 2 20.78 8.50 4.52
C ALA A 2 19.52 8.04 5.23
N ALA A 3 18.35 8.27 4.65
CA ALA A 3 17.15 7.73 5.25
C ALA A 3 17.24 6.21 5.50
N ILE A 4 17.72 5.49 4.48
CA ILE A 4 17.76 4.05 4.55
C ILE A 4 18.54 3.58 5.78
N ASP A 5 19.67 4.26 6.05
CA ASP A 5 20.53 3.91 7.16
C ASP A 5 19.81 4.04 8.54
N LYS A 6 18.96 5.03 8.67
CA LYS A 6 18.14 5.27 9.83
C LYS A 6 17.13 4.16 9.99
N LEU A 7 16.49 3.81 8.88
CA LEU A 7 15.43 2.82 8.99
C LEU A 7 15.81 1.39 9.28
N VAL A 8 17.03 0.96 8.81
CA VAL A 8 17.45 -0.42 8.86
C VAL A 8 18.22 -0.78 10.15
N LYS A 9 18.52 0.21 10.98
CA LYS A 9 18.98 -0.08 12.38
C LYS A 9 18.15 -1.10 13.10
N ALA A 10 18.75 -2.15 13.63
CA ALA A 10 18.03 -3.19 14.31
C ALA A 10 16.96 -2.76 15.27
N SER A 11 17.25 -1.72 16.09
CA SER A 11 16.34 -1.38 17.13
C SER A 11 15.25 -0.38 16.64
N HIS A 12 15.41 0.13 15.43
CA HIS A 12 14.53 1.21 14.97
C HIS A 12 13.19 0.64 14.50
N LEU A 13 12.17 1.23 15.03
CA LEU A 13 10.79 0.88 14.60
C LEU A 13 10.26 2.03 13.76
N ILE A 14 9.77 1.70 12.52
CA ILE A 14 9.19 2.75 11.78
C ILE A 14 7.95 3.35 12.50
N ASP A 15 7.80 4.68 12.40
CA ASP A 15 6.60 5.32 12.90
C ASP A 15 6.25 6.53 12.06
N MET A 16 5.36 7.38 12.51
CA MET A 16 4.85 8.45 11.60
C MET A 16 5.91 9.45 11.36
N ASN A 17 6.96 9.61 12.21
CA ASN A 17 8.00 10.59 12.01
C ASN A 17 8.95 10.17 10.86
N ASP A 18 8.82 8.89 10.40
CA ASP A 18 9.57 8.44 9.23
C ASP A 18 8.81 8.63 7.90
N ILE A 19 7.58 9.05 7.96
CA ILE A 19 6.73 9.15 6.77
C ILE A 19 6.76 10.55 6.23
N ILE A 20 7.18 10.72 4.99
CA ILE A 20 7.20 12.06 4.38
C ILE A 20 5.84 12.53 3.98
N ARG A 21 5.73 13.85 3.82
CA ARG A 21 4.47 14.55 3.64
C ARG A 21 4.24 14.98 2.21
N GLU A 22 2.95 15.13 1.89
CA GLU A 22 2.51 15.73 0.69
C GLU A 22 3.33 16.92 0.31
N GLY A 23 3.78 17.01 -0.86
CA GLY A 23 4.63 18.02 -1.33
C GLY A 23 6.10 17.66 -1.49
N ASN A 24 6.49 16.66 -0.70
CA ASN A 24 7.89 16.19 -0.84
C ASN A 24 8.05 15.65 -2.20
N PRO A 25 9.07 16.10 -2.95
CA PRO A 25 9.23 15.60 -4.36
C PRO A 25 9.39 14.11 -4.53
N THR A 26 9.83 13.36 -3.49
CA THR A 26 10.00 11.93 -3.59
C THR A 26 8.69 11.20 -3.93
N LEU A 27 7.59 11.79 -3.50
CA LEU A 27 6.31 11.14 -3.73
C LEU A 27 5.89 11.20 -5.19
N ARG A 28 6.52 12.02 -6.04
CA ARG A 28 6.17 12.23 -7.41
C ARG A 28 7.16 11.64 -8.41
N LYS A 29 8.24 11.04 -7.88
CA LYS A 29 9.19 10.36 -8.75
C LYS A 29 8.72 9.05 -9.23
N VAL A 30 9.36 8.51 -10.25
CA VAL A 30 9.22 7.03 -10.58
C VAL A 30 10.31 6.30 -9.84
N ALA A 31 9.93 5.49 -8.85
CA ALA A 31 10.90 4.79 -8.03
C ALA A 31 11.79 3.81 -8.90
N GLU A 32 12.99 3.60 -8.49
CA GLU A 32 13.94 2.71 -9.21
C GLU A 32 13.71 1.24 -8.92
N GLU A 33 13.82 0.43 -9.91
CA GLU A 33 13.77 -1.02 -9.78
C GLU A 33 14.84 -1.48 -8.88
N VAL A 34 14.56 -2.51 -8.08
CA VAL A 34 15.53 -3.13 -7.22
C VAL A 34 16.18 -4.27 -7.97
N THR A 35 17.50 -4.53 -7.68
CA THR A 35 18.18 -5.60 -8.37
C THR A 35 18.40 -6.74 -7.39
N PHE A 36 18.36 -7.94 -7.96
CA PHE A 36 18.55 -9.10 -7.21
C PHE A 36 19.95 -9.67 -7.44
N PRO A 37 20.56 -10.29 -6.45
CA PRO A 37 20.07 -10.57 -5.12
C PRO A 37 19.94 -9.27 -4.32
N LEU A 38 18.96 -9.17 -3.42
CA LEU A 38 18.74 -7.96 -2.72
C LEU A 38 19.91 -7.64 -1.78
N SER A 39 20.20 -6.40 -1.63
CA SER A 39 21.11 -5.98 -0.57
C SER A 39 20.44 -6.23 0.78
N GLU A 40 21.34 -6.24 1.80
CA GLU A 40 20.85 -6.35 3.17
C GLU A 40 19.90 -5.23 3.53
N LYS A 41 20.23 -4.04 3.13
CA LYS A 41 19.43 -2.82 3.44
C LYS A 41 17.97 -3.03 2.81
N GLU A 42 17.96 -3.48 1.56
CA GLU A 42 16.59 -3.64 0.95
C GLU A 42 15.78 -4.75 1.58
N GLU A 43 16.41 -5.86 1.98
CA GLU A 43 15.73 -6.92 2.68
C GLU A 43 15.20 -6.44 4.00
N ILE A 44 16.06 -5.76 4.75
CA ILE A 44 15.61 -5.26 6.09
C ILE A 44 14.54 -4.19 5.91
N LEU A 45 14.63 -3.34 4.89
CA LEU A 45 13.69 -2.33 4.72
C LEU A 45 12.26 -2.95 4.55
N GLY A 46 12.19 -3.96 3.73
CA GLY A 46 10.99 -4.71 3.48
C GLY A 46 10.42 -5.23 4.79
N GLU A 47 11.29 -5.82 5.60
CA GLU A 47 10.83 -6.39 6.82
C GLU A 47 10.33 -5.30 7.81
N LYS A 48 10.98 -4.14 7.80
CA LYS A 48 10.59 -3.08 8.72
C LYS A 48 9.21 -2.51 8.26
N MET A 49 8.99 -2.51 6.94
CA MET A 49 7.75 -1.98 6.42
C MET A 49 6.58 -2.89 6.80
N MET A 50 6.74 -4.22 6.65
CA MET A 50 5.72 -5.14 7.05
C MET A 50 5.48 -5.03 8.61
N GLN A 51 6.57 -4.85 9.36
CA GLN A 51 6.44 -4.69 10.82
C GLN A 51 5.62 -3.43 11.15
N PHE A 52 5.78 -2.34 10.42
CA PHE A 52 5.02 -1.13 10.60
C PHE A 52 3.52 -1.47 10.43
N LEU A 53 3.18 -2.23 9.35
CA LEU A 53 1.79 -2.53 9.13
C LEU A 53 1.21 -3.40 10.28
N LYS A 54 1.96 -4.40 10.70
CA LYS A 54 1.53 -5.25 11.81
C LYS A 54 1.35 -4.37 13.08
N HIS A 55 2.28 -3.47 13.28
CA HIS A 55 2.09 -2.57 14.44
C HIS A 55 0.96 -1.64 14.39
N SER A 56 0.65 -1.13 13.17
CA SER A 56 -0.48 -0.25 12.92
C SER A 56 -1.82 -0.94 13.14
N GLN A 57 -1.83 -2.24 13.08
CA GLN A 57 -3.01 -3.07 13.22
C GLN A 57 -3.20 -3.55 14.64
N ASP A 58 -2.17 -3.42 15.46
CA ASP A 58 -2.12 -4.04 16.81
C ASP A 58 -2.48 -2.91 17.77
N PRO A 59 -3.65 -3.02 18.43
CA PRO A 59 -4.06 -1.88 19.31
C PRO A 59 -3.01 -1.42 20.30
N ILE A 60 -2.25 -2.33 20.83
CA ILE A 60 -1.23 -1.95 21.77
C ILE A 60 -0.05 -1.20 21.11
N MET A 61 0.58 -1.82 20.14
CA MET A 61 1.70 -1.19 19.47
C MET A 61 1.28 0.12 18.78
N ALA A 62 0.06 0.21 18.20
CA ALA A 62 -0.36 1.39 17.49
C ALA A 62 -0.43 2.57 18.47
N GLU A 63 -1.03 2.30 19.62
CA GLU A 63 -1.02 3.27 20.70
C GLU A 63 0.37 3.66 21.23
N LYS A 64 1.23 2.68 21.46
CA LYS A 64 2.58 2.98 21.87
C LYS A 64 3.30 3.81 20.95
N LEU A 65 3.20 3.53 19.62
CA LEU A 65 4.00 4.27 18.62
C LEU A 65 3.30 5.47 17.97
N GLY A 66 2.02 5.61 18.22
CA GLY A 66 1.27 6.78 17.69
C GLY A 66 0.82 6.54 16.21
N LEU A 67 0.41 5.31 15.96
CA LEU A 67 -0.03 4.94 14.53
C LEU A 67 -1.62 4.76 14.50
N ARG A 68 -2.21 4.79 13.36
CA ARG A 68 -3.63 4.34 13.24
C ARG A 68 -3.59 3.06 12.32
N GLY A 69 -4.59 2.15 12.43
CA GLY A 69 -4.60 0.90 11.51
C GLY A 69 -4.43 1.36 10.06
N GLY A 70 -3.57 0.69 9.28
CA GLY A 70 -3.44 0.90 7.80
C GLY A 70 -3.08 -0.51 7.13
N VAL A 71 -3.16 -0.56 5.82
CA VAL A 71 -3.13 -1.85 5.06
C VAL A 71 -2.01 -1.89 4.03
N GLY A 72 -1.28 -0.85 3.90
CA GLY A 72 -0.22 -0.84 2.92
C GLY A 72 0.73 0.31 3.03
N LEU A 73 1.92 0.15 2.53
CA LEU A 73 2.97 1.17 2.65
C LEU A 73 3.94 0.98 1.44
N ALA A 74 4.44 2.06 0.93
CA ALA A 74 5.38 2.04 -0.14
C ALA A 74 6.66 2.69 0.23
N ALA A 75 7.78 2.24 -0.25
CA ALA A 75 9.10 2.78 0.14
C ALA A 75 9.18 4.36 -0.11
N PRO A 76 8.59 4.90 -1.22
CA PRO A 76 8.67 6.36 -1.38
C PRO A 76 8.16 7.14 -0.21
N GLN A 77 7.13 6.60 0.50
CA GLN A 77 6.58 7.24 1.66
C GLN A 77 7.56 7.40 2.78
N LEU A 78 8.62 6.58 2.81
CA LEU A 78 9.77 6.67 3.73
C LEU A 78 10.98 7.46 3.17
N ASP A 79 10.77 8.12 2.06
CA ASP A 79 11.81 8.87 1.33
C ASP A 79 12.80 7.95 0.71
N ILE A 80 12.40 6.74 0.30
CA ILE A 80 13.26 5.74 -0.32
C ILE A 80 12.68 5.48 -1.71
N SER A 81 13.36 5.96 -2.77
CA SER A 81 12.81 5.88 -4.12
C SER A 81 13.15 4.55 -4.78
N LYS A 82 12.60 3.48 -4.20
CA LYS A 82 12.76 2.13 -4.70
C LYS A 82 11.39 1.47 -4.86
N ARG A 83 11.36 0.51 -5.74
CA ARG A 83 10.05 -0.19 -6.04
C ARG A 83 9.79 -1.31 -5.05
N ILE A 84 9.45 -0.94 -3.81
CA ILE A 84 9.23 -1.83 -2.71
C ILE A 84 7.91 -1.42 -2.06
N ILE A 85 7.01 -2.39 -1.88
CA ILE A 85 5.71 -2.13 -1.25
C ILE A 85 5.46 -3.28 -0.22
N ALA A 86 4.69 -2.98 0.81
CA ALA A 86 4.17 -4.00 1.73
C ALA A 86 2.70 -3.84 1.78
N VAL A 87 1.98 -4.92 1.78
CA VAL A 87 0.55 -5.01 1.86
C VAL A 87 0.09 -6.02 2.92
N LEU A 88 -0.90 -5.60 3.69
CA LEU A 88 -1.37 -6.47 4.79
C LEU A 88 -2.82 -6.18 4.98
N VAL A 89 -3.64 -6.99 4.29
CA VAL A 89 -5.09 -6.72 4.27
C VAL A 89 -5.78 -7.73 5.11
N PRO A 90 -6.34 -7.37 6.28
CA PRO A 90 -6.88 -8.29 7.23
C PRO A 90 -8.30 -8.74 6.84
N ASN A 91 -8.61 -9.99 7.14
CA ASN A 91 -10.03 -10.44 7.13
C ASN A 91 -10.65 -10.07 8.47
N VAL A 92 -11.96 -10.13 8.54
CA VAL A 92 -12.68 -9.66 9.73
C VAL A 92 -13.35 -10.84 10.48
N GLU A 93 -13.49 -10.67 11.78
CA GLU A 93 -14.23 -11.59 12.63
C GLU A 93 -15.70 -11.68 12.17
N ASP A 94 -16.29 -12.81 12.45
CA ASP A 94 -17.71 -12.95 12.23
C ASP A 94 -18.55 -12.25 13.34
N ALA A 95 -19.88 -12.43 13.24
CA ALA A 95 -20.71 -11.74 14.22
C ALA A 95 -20.61 -12.29 15.58
N GLN A 96 -20.14 -13.53 15.71
CA GLN A 96 -19.99 -14.15 16.98
C GLN A 96 -18.62 -13.85 17.64
N GLY A 97 -17.82 -13.08 17.00
CA GLY A 97 -16.47 -12.79 17.48
C GLY A 97 -15.42 -13.80 17.16
N ASN A 98 -15.72 -14.77 16.23
CA ASN A 98 -14.67 -15.80 15.89
C ASN A 98 -13.72 -15.19 14.91
N PRO A 99 -12.44 -15.38 15.13
CA PRO A 99 -11.47 -15.02 14.09
C PRO A 99 -11.69 -15.64 12.77
N PRO A 100 -11.33 -14.99 11.70
CA PRO A 100 -11.43 -15.61 10.36
C PRO A 100 -10.47 -16.81 10.22
N LYS A 101 -10.80 -17.71 9.26
CA LYS A 101 -9.96 -18.84 8.98
C LYS A 101 -8.62 -18.48 8.47
N GLU A 102 -8.54 -17.35 7.78
CA GLU A 102 -7.29 -16.70 7.33
C GLU A 102 -7.22 -15.28 7.95
N ALA A 103 -6.19 -15.03 8.66
CA ALA A 103 -6.00 -13.75 9.28
C ALA A 103 -6.03 -12.62 8.20
N TYR A 104 -5.33 -12.92 7.10
CA TYR A 104 -5.21 -11.92 6.05
C TYR A 104 -5.67 -12.43 4.71
N SER A 105 -6.30 -11.61 3.91
CA SER A 105 -6.62 -11.87 2.52
C SER A 105 -5.42 -11.69 1.63
N LEU A 106 -4.45 -10.91 2.08
CA LEU A 106 -3.16 -10.65 1.39
C LEU A 106 -2.12 -10.15 2.33
N GLN A 107 -0.95 -10.82 2.35
CA GLN A 107 0.15 -10.43 3.20
C GLN A 107 1.45 -10.62 2.47
N GLU A 108 2.13 -9.56 1.95
CA GLU A 108 3.26 -9.69 1.09
C GLU A 108 4.10 -8.46 1.15
N VAL A 109 5.42 -8.68 1.12
CA VAL A 109 6.37 -7.61 0.67
C VAL A 109 6.77 -7.80 -0.77
N MET A 110 6.41 -6.89 -1.67
CA MET A 110 6.58 -7.00 -3.07
C MET A 110 7.70 -6.15 -3.58
N TYR A 111 8.58 -6.69 -4.39
CA TYR A 111 9.69 -5.97 -5.06
C TYR A 111 9.36 -5.87 -6.55
N ASN A 112 9.60 -4.72 -7.11
CA ASN A 112 9.25 -4.48 -8.50
C ASN A 112 7.85 -4.89 -8.93
N PRO A 113 6.83 -4.57 -8.16
CA PRO A 113 5.50 -5.04 -8.58
C PRO A 113 4.98 -4.22 -9.74
N LYS A 114 4.15 -4.78 -10.56
CA LYS A 114 3.48 -4.10 -11.70
C LYS A 114 2.15 -4.73 -12.04
N VAL A 115 1.26 -3.92 -12.54
CA VAL A 115 0.01 -4.44 -13.21
C VAL A 115 0.34 -4.90 -14.57
N VAL A 116 0.11 -6.12 -14.94
CA VAL A 116 0.35 -6.58 -16.33
C VAL A 116 -0.91 -6.71 -17.13
N SER A 117 -2.07 -6.86 -16.47
CA SER A 117 -3.41 -6.88 -17.15
C SER A 117 -4.42 -6.47 -16.11
N HIS A 118 -5.65 -6.16 -16.62
CA HIS A 118 -6.69 -5.75 -15.72
C HIS A 118 -8.04 -5.83 -16.37
N SER A 119 -9.08 -5.76 -15.57
CA SER A 119 -10.48 -5.74 -16.09
C SER A 119 -10.81 -4.44 -16.75
N VAL A 120 -11.81 -4.49 -17.66
CA VAL A 120 -12.36 -3.29 -18.23
C VAL A 120 -13.12 -2.62 -17.10
N GLN A 121 -13.85 -3.39 -16.31
CA GLN A 121 -14.52 -2.85 -15.13
C GLN A 121 -13.65 -2.06 -14.16
N ASP A 122 -14.14 -0.95 -13.72
CA ASP A 122 -13.56 -0.12 -12.70
C ASP A 122 -14.22 -0.42 -11.36
N ALA A 123 -13.53 -0.13 -10.27
CA ALA A 123 -14.07 -0.19 -8.92
C ALA A 123 -13.52 0.96 -8.04
N ALA A 124 -14.22 1.26 -6.96
CA ALA A 124 -13.81 2.25 -6.00
C ALA A 124 -14.34 1.92 -4.60
N LEU A 125 -13.58 2.19 -3.61
CA LEU A 125 -14.08 2.08 -2.23
C LEU A 125 -15.19 3.14 -1.97
N SER A 126 -16.30 2.69 -1.41
CA SER A 126 -17.40 3.61 -1.10
C SER A 126 -16.92 4.72 -0.23
N ASP A 127 -16.06 4.35 0.73
CA ASP A 127 -15.53 5.28 1.70
C ASP A 127 -14.37 6.21 1.24
N GLY A 128 -14.04 6.16 -0.06
CA GLY A 128 -12.94 6.92 -0.58
C GLY A 128 -11.64 6.31 -0.07
N GLU A 129 -10.55 7.04 -0.23
CA GLU A 129 -9.22 6.65 0.23
C GLU A 129 -8.61 7.73 1.07
N GLY A 130 -7.37 7.57 1.42
CA GLY A 130 -6.60 8.54 2.24
C GLY A 130 -5.20 8.13 2.14
N OCS A 131 -4.35 8.68 2.97
CA OCS A 131 -2.87 8.46 2.80
CB OCS A 131 -2.40 9.29 1.63
SG OCS A 131 -0.94 8.82 0.80
C OCS A 131 -2.19 8.86 4.05
O OCS A 131 -2.39 9.93 4.53
OD1 OCS A 131 -0.57 9.81 -0.14
OD2 OCS A 131 0.06 8.63 1.73
OD3 OCS A 131 -1.33 7.59 0.17
N LEU A 132 -1.18 8.02 4.45
CA LEU A 132 -0.37 8.37 5.49
C LEU A 132 0.40 9.72 5.36
N SER A 133 0.62 10.17 4.14
CA SER A 133 1.38 11.35 3.79
C SER A 133 0.47 12.60 3.62
N VAL A 134 -0.85 12.41 3.67
CA VAL A 134 -1.78 13.47 3.40
C VAL A 134 -2.57 13.78 4.66
N ASP A 135 -2.47 15.00 5.13
CA ASP A 135 -3.11 15.48 6.38
C ASP A 135 -4.24 16.44 5.99
N ARG A 136 -5.08 16.08 5.05
CA ARG A 136 -6.18 16.92 4.51
C ARG A 136 -7.26 15.97 4.31
N GLU A 137 -8.50 16.43 4.50
CA GLU A 137 -9.67 15.65 4.13
C GLU A 137 -9.85 15.68 2.62
N VAL A 138 -9.98 14.49 2.01
CA VAL A 138 -10.11 14.45 0.54
C VAL A 138 -11.27 13.52 0.17
N PRO A 139 -12.38 14.11 -0.22
CA PRO A 139 -13.55 13.33 -0.57
C PRO A 139 -13.53 12.75 -1.96
N GLY A 140 -14.19 11.63 -2.13
CA GLY A 140 -14.51 11.17 -3.45
C GLY A 140 -14.09 9.75 -3.78
N TYR A 141 -14.66 9.25 -4.91
CA TYR A 141 -14.39 7.91 -5.33
C TYR A 141 -13.03 7.88 -6.11
N VAL A 142 -12.13 7.06 -5.58
CA VAL A 142 -10.78 6.91 -6.27
C VAL A 142 -11.00 5.73 -7.25
N VAL A 143 -11.06 6.08 -8.54
CA VAL A 143 -11.49 5.09 -9.56
C VAL A 143 -10.31 4.27 -9.98
N ARG A 144 -10.37 2.97 -9.73
CA ARG A 144 -9.35 2.06 -9.99
C ARG A 144 -9.84 0.89 -10.89
N HIS A 145 -8.91 0.04 -11.35
CA HIS A 145 -9.33 -1.19 -12.03
C HIS A 145 -10.03 -2.11 -11.02
N ALA A 146 -11.21 -2.73 -11.43
CA ALA A 146 -11.79 -3.71 -10.50
C ALA A 146 -10.81 -4.82 -10.13
N ARG A 147 -10.27 -5.40 -11.15
CA ARG A 147 -9.47 -6.66 -11.06
C ARG A 147 -8.20 -6.42 -11.72
N VAL A 148 -7.12 -6.97 -11.17
CA VAL A 148 -5.76 -6.75 -11.75
C VAL A 148 -5.01 -8.11 -11.75
N THR A 149 -4.11 -8.25 -12.74
CA THR A 149 -3.13 -9.32 -12.63
C THR A 149 -1.80 -8.68 -12.44
N ILE A 150 -1.14 -9.02 -11.38
CA ILE A 150 0.20 -8.41 -11.02
C ILE A 150 1.30 -9.38 -11.23
N GLU A 151 2.54 -8.85 -11.52
CA GLU A 151 3.71 -9.59 -11.30
C GLU A 151 4.62 -8.90 -10.31
N TYR A 152 5.30 -9.67 -9.47
CA TYR A 152 6.28 -9.08 -8.53
C TYR A 152 7.24 -10.10 -8.12
N PHE A 153 8.28 -9.66 -7.43
CA PHE A 153 9.30 -10.59 -6.93
C PHE A 153 9.30 -10.50 -5.42
N ASP A 154 9.52 -11.67 -4.75
CA ASP A 154 9.66 -11.64 -3.32
C ASP A 154 11.12 -11.41 -2.92
N LYS A 155 11.41 -11.29 -1.62
CA LYS A 155 12.76 -10.95 -1.18
C LYS A 155 13.81 -11.98 -1.58
N THR A 156 13.38 -13.16 -1.96
CA THR A 156 14.31 -14.21 -2.38
C THR A 156 14.61 -14.13 -3.82
N GLY A 157 13.92 -13.27 -4.61
CA GLY A 157 14.09 -13.20 -6.00
C GLY A 157 13.06 -13.99 -6.88
N GLU A 158 12.25 -14.78 -6.18
CA GLU A 158 11.21 -15.61 -6.80
C GLU A 158 10.08 -14.70 -7.41
N LYS A 159 9.77 -14.97 -8.69
CA LYS A 159 8.78 -14.17 -9.39
C LYS A 159 7.37 -14.78 -9.09
N HIS A 160 6.38 -13.94 -8.91
CA HIS A 160 5.01 -14.35 -8.74
C HIS A 160 4.12 -13.63 -9.73
N ARG A 161 3.06 -14.35 -10.15
CA ARG A 161 2.03 -13.82 -10.99
C ARG A 161 0.73 -14.09 -10.32
N LEU A 162 -0.13 -13.09 -10.12
CA LEU A 162 -1.21 -13.17 -9.15
C LEU A 162 -2.39 -12.33 -9.70
N LYS A 163 -3.57 -12.88 -9.73
CA LYS A 163 -4.77 -12.14 -9.95
C LYS A 163 -5.40 -11.71 -8.62
N LEU A 164 -5.86 -10.48 -8.57
CA LEU A 164 -6.50 -9.91 -7.42
C LEU A 164 -7.81 -9.21 -7.78
N LYS A 165 -8.75 -9.26 -6.79
CA LYS A 165 -9.96 -8.65 -6.88
C LYS A 165 -10.36 -7.98 -5.50
N GLY A 166 -11.51 -7.34 -5.47
CA GLY A 166 -11.95 -6.77 -4.19
C GLY A 166 -11.01 -5.75 -3.58
N TYR A 167 -11.02 -5.78 -2.25
CA TYR A 167 -10.10 -4.89 -1.53
C TYR A 167 -8.64 -5.09 -1.88
N ASN A 168 -8.19 -6.34 -1.99
CA ASN A 168 -6.83 -6.67 -2.27
C ASN A 168 -6.43 -5.87 -3.54
N SER A 169 -7.24 -5.88 -4.54
CA SER A 169 -6.96 -5.23 -5.80
C SER A 169 -6.73 -3.72 -5.62
N ILE A 170 -7.63 -3.11 -4.88
CA ILE A 170 -7.58 -1.68 -4.56
C ILE A 170 -6.28 -1.29 -3.85
N VAL A 171 -5.93 -2.10 -2.77
CA VAL A 171 -4.75 -1.78 -1.98
C VAL A 171 -3.53 -1.86 -2.79
N VAL A 172 -3.40 -2.94 -3.52
CA VAL A 172 -2.15 -3.13 -4.34
C VAL A 172 -1.99 -2.06 -5.34
N GLN A 173 -3.05 -1.68 -6.01
CA GLN A 173 -3.04 -0.53 -6.97
C GLN A 173 -2.60 0.76 -6.31
N HIS A 174 -3.11 1.07 -5.10
CA HIS A 174 -2.82 2.25 -4.37
C HIS A 174 -1.27 2.28 -4.13
N GLU A 175 -0.72 1.15 -3.67
CA GLU A 175 0.72 1.10 -3.37
C GLU A 175 1.61 1.16 -4.63
N ILE A 176 1.20 0.48 -5.69
CA ILE A 176 1.94 0.53 -6.94
C ILE A 176 1.93 1.98 -7.40
N ASP A 177 0.79 2.66 -7.35
CA ASP A 177 0.78 4.11 -7.70
C ASP A 177 1.90 4.87 -7.03
N HIS A 178 2.19 4.65 -5.71
CA HIS A 178 3.24 5.36 -5.06
C HIS A 178 4.59 5.20 -5.71
N ILE A 179 4.88 4.01 -6.21
CA ILE A 179 6.21 3.74 -6.87
C ILE A 179 6.26 4.28 -8.25
N ASP A 180 5.12 4.77 -8.82
CA ASP A 180 5.07 5.46 -10.04
C ASP A 180 4.91 6.98 -9.87
N GLY A 181 4.79 7.49 -8.66
CA GLY A 181 4.70 8.91 -8.36
C GLY A 181 3.27 9.40 -8.57
N ILE A 182 2.28 8.54 -8.35
CA ILE A 182 0.82 8.82 -8.53
C ILE A 182 0.23 8.84 -7.11
N MET A 183 -0.62 9.86 -6.86
CA MET A 183 -1.34 10.05 -5.62
C MET A 183 -2.81 9.69 -5.85
N PHE A 184 -3.47 9.22 -4.81
CA PHE A 184 -4.85 8.72 -4.93
C PHE A 184 -5.79 9.71 -5.48
N TYR A 185 -5.60 10.98 -5.09
CA TYR A 185 -6.51 11.97 -5.60
C TYR A 185 -6.38 12.32 -7.06
N ASP A 186 -5.28 11.85 -7.67
CA ASP A 186 -5.14 11.91 -9.11
C ASP A 186 -6.21 11.15 -9.86
N ARG A 187 -6.91 10.25 -9.20
CA ARG A 187 -7.88 9.37 -9.77
C ARG A 187 -9.32 9.63 -9.27
N ILE A 188 -9.50 10.82 -8.66
CA ILE A 188 -10.80 11.35 -8.28
C ILE A 188 -11.24 12.35 -9.35
N ASN A 189 -12.51 12.21 -9.76
CA ASN A 189 -13.11 13.14 -10.75
C ASN A 189 -13.00 14.62 -10.30
N GLU A 190 -12.53 15.40 -11.20
CA GLU A 190 -12.06 16.79 -10.87
C GLU A 190 -13.22 17.69 -10.57
N LYS A 191 -14.33 17.42 -11.20
CA LYS A 191 -15.50 18.36 -11.04
C LYS A 191 -16.53 17.81 -10.07
N ASN A 192 -16.80 16.48 -10.06
CA ASN A 192 -17.70 15.88 -9.13
C ASN A 192 -17.04 14.70 -8.50
N PRO A 193 -16.52 14.87 -7.30
CA PRO A 193 -15.81 13.76 -6.66
C PRO A 193 -16.55 12.46 -6.55
N PHE A 194 -17.86 12.53 -6.45
CA PHE A 194 -18.73 11.33 -6.34
C PHE A 194 -19.48 10.96 -7.62
N ALA A 195 -19.02 11.46 -8.74
CA ALA A 195 -19.52 11.02 -10.01
C ALA A 195 -19.44 9.50 -10.13
N VAL A 196 -20.46 8.85 -10.70
CA VAL A 196 -20.39 7.40 -10.91
C VAL A 196 -20.61 7.12 -12.40
N LYS A 197 -19.61 6.66 -13.10
CA LYS A 197 -19.75 6.22 -14.47
C LYS A 197 -20.40 4.85 -14.39
N GLU A 198 -21.49 4.67 -15.16
CA GLU A 198 -22.21 3.43 -15.16
C GLU A 198 -21.29 2.23 -15.20
N GLY A 199 -21.53 1.32 -14.31
CA GLY A 199 -20.83 0.03 -14.25
C GLY A 199 -19.70 0.03 -13.25
N LEU A 200 -19.45 1.20 -12.68
CA LEU A 200 -18.43 1.25 -11.60
C LEU A 200 -18.81 0.38 -10.41
N LEU A 201 -17.95 -0.53 -9.97
CA LEU A 201 -18.22 -1.38 -8.83
C LEU A 201 -17.87 -0.62 -7.54
N ILE A 202 -18.85 -0.31 -6.70
CA ILE A 202 -18.59 0.42 -5.53
C ILE A 202 -18.52 -0.60 -4.38
N LEU A 203 -17.36 -0.71 -3.77
CA LEU A 203 -17.05 -1.69 -2.74
C LEU A 203 -17.40 -1.12 -1.36
N GLU A 204 -18.27 -1.86 -0.62
CA GLU A 204 -18.71 -1.26 0.68
C GLU A 204 -17.78 -1.42 1.82
BR BB4 B . -6.15 1.74 -0.37
N1 BB4 B . -0.61 3.56 1.77
O2 BB4 B . -1.08 5.76 2.29
N3 BB4 B . -5.46 5.63 4.17
C4 BB4 B . -4.13 5.39 4.45
C5 BB4 B . -3.61 4.52 3.57
C6 BB4 B . -4.68 4.07 2.74
C7 BB4 B . -4.79 3.18 1.66
C8 BB4 B . -6.00 3.00 1.09
C9 BB4 B . -7.15 3.67 1.52
C10 BB4 B . -7.07 4.59 2.56
C11 BB4 B . -5.83 4.81 3.13
C12 BB4 B . -2.18 4.02 3.59
C13 BB4 B . -1.30 4.55 2.45
O14 BB4 B . 0.17 4.05 0.83
C ACT C . -3.40 1.52 -12.07
O ACT C . -2.84 0.79 -12.89
OXT ACT C . -4.44 2.19 -12.27
CH3 ACT C . -2.82 1.48 -10.67
ZN ZN D . -0.68 5.72 0.16
ZN ZN E . 6.42 -5.85 17.07
ZN ZN F . -4.61 -1.22 -19.48
ZN ZN G . -8.12 16.91 -8.66
ZN ZN H . -3.82 0.77 -14.68
ZN ZN I . 11.85 6.58 12.93
ZN ZN J . 15.77 -11.13 6.80
ZN ZN K . 4.71 -11.51 -17.62
#